data_3VYI
#
_entry.id   3VYI
#
_cell.length_a   83.273
_cell.length_b   84.010
_cell.length_c   88.393
_cell.angle_alpha   90.00
_cell.angle_beta   90.00
_cell.angle_gamma   90.00
#
_symmetry.space_group_name_H-M   'P 21 21 21'
#
loop_
_entity.id
_entity.type
_entity.pdbx_description
1 polymer 'Voltage-gated hydrogen channel 1'
2 water water
#
_entity_poly.entity_id   1
_entity_poly.type   'polypeptide(L)'
_entity_poly.pdbx_seq_one_letter_code
;GSERQILRIKQNINQIATKIQHIEFSISEIEQEIERINKLIKQNGLLGDVN
;
_entity_poly.pdbx_strand_id   A,B,D,C,E,F,H,G,I,J,K,L
#
# COMPACT_ATOMS: atom_id res chain seq x y z
N SER A 2 25.68 2.56 -3.11
CA SER A 2 26.46 2.99 -4.26
C SER A 2 25.68 3.84 -5.28
N GLU A 3 26.25 5.02 -5.56
CA GLU A 3 25.66 6.04 -6.43
C GLU A 3 25.20 5.54 -7.81
N ARG A 4 26.09 4.81 -8.47
CA ARG A 4 25.85 4.39 -9.85
C ARG A 4 24.70 3.38 -9.94
N GLN A 5 24.76 2.37 -9.08
CA GLN A 5 23.74 1.32 -9.07
C GLN A 5 22.38 1.90 -8.67
N ILE A 6 22.38 2.80 -7.70
CA ILE A 6 21.15 3.45 -7.27
C ILE A 6 20.53 4.18 -8.44
N LEU A 7 21.36 4.91 -9.19
CA LEU A 7 20.86 5.62 -10.35
C LEU A 7 20.21 4.68 -11.36
N ARG A 8 20.90 3.58 -11.67
CA ARG A 8 20.32 2.63 -12.62
C ARG A 8 18.97 2.07 -12.14
N ILE A 9 18.93 1.63 -10.88
CA ILE A 9 17.68 1.19 -10.26
C ILE A 9 16.56 2.21 -10.46
N LYS A 10 16.83 3.48 -10.13
CA LYS A 10 15.83 4.53 -10.32
C LYS A 10 15.34 4.58 -11.78
N GLN A 11 16.26 4.45 -12.73
CA GLN A 11 15.85 4.46 -14.13
C GLN A 11 14.92 3.27 -14.46
N ASN A 12 15.26 2.09 -13.94
CA ASN A 12 14.42 0.93 -14.14
C ASN A 12 13.04 1.09 -13.53
N ILE A 13 12.98 1.74 -12.36
CA ILE A 13 11.71 2.00 -11.69
C ILE A 13 10.87 2.87 -12.60
N ASN A 14 11.48 3.92 -13.14
CA ASN A 14 10.75 4.81 -14.06
C ASN A 14 10.20 4.08 -15.26
N GLN A 15 11.04 3.30 -15.92
CA GLN A 15 10.58 2.50 -17.06
C GLN A 15 9.41 1.56 -16.68
N ILE A 16 9.48 1.00 -15.48
CA ILE A 16 8.38 0.18 -14.99
C ILE A 16 7.10 0.99 -14.74
N ALA A 17 7.25 2.20 -14.23
CA ALA A 17 6.09 3.06 -14.07
C ALA A 17 5.50 3.43 -15.43
N THR A 18 6.34 3.51 -16.46
CA THR A 18 5.87 3.78 -17.81
C THR A 18 5.04 2.60 -18.31
N LYS A 19 5.59 1.40 -18.14
CA LYS A 19 4.84 0.21 -18.57
C LYS A 19 3.53 0.06 -17.80
N ILE A 20 3.49 0.48 -16.53
CA ILE A 20 2.26 0.41 -15.74
C ILE A 20 1.21 1.41 -16.23
N GLN A 21 1.65 2.60 -16.60
CA GLN A 21 0.77 3.58 -17.25
C GLN A 21 0.12 3.00 -18.49
N HIS A 22 0.96 2.50 -19.40
CA HIS A 22 0.49 1.84 -20.62
C HIS A 22 -0.53 0.71 -20.30
N ILE A 23 -0.21 -0.11 -19.29
CA ILE A 23 -1.11 -1.21 -18.91
C ILE A 23 -2.47 -0.72 -18.39
N GLU A 24 -2.46 0.29 -17.52
CA GLU A 24 -3.70 0.85 -17.01
C GLU A 24 -4.59 1.45 -18.11
N PHE A 25 -3.98 2.13 -19.08
CA PHE A 25 -4.75 2.59 -20.24
C PHE A 25 -5.37 1.42 -20.99
N SER A 26 -4.57 0.41 -21.29
CA SER A 26 -5.10 -0.75 -21.99
C SER A 26 -6.29 -1.38 -21.29
N ILE A 27 -6.18 -1.54 -19.97
CA ILE A 27 -7.26 -2.11 -19.20
C ILE A 27 -8.50 -1.22 -19.25
N SER A 28 -8.32 0.10 -19.18
CA SER A 28 -9.48 1.00 -19.23
C SER A 28 -10.22 0.92 -20.57
N GLU A 29 -9.46 0.96 -21.67
CA GLU A 29 -10.07 0.80 -22.98
C GLU A 29 -10.82 -0.55 -23.07
N ILE A 30 -10.17 -1.62 -22.63
CA ILE A 30 -10.83 -2.93 -22.60
C ILE A 30 -12.14 -2.92 -21.83
N GLU A 31 -12.16 -2.26 -20.66
CA GLU A 31 -13.37 -2.25 -19.85
C GLU A 31 -14.49 -1.45 -20.50
N GLN A 32 -14.11 -0.39 -21.22
CA GLN A 32 -15.04 0.40 -22.00
C GLN A 32 -15.64 -0.48 -23.12
N GLU A 33 -14.79 -1.24 -23.80
CA GLU A 33 -15.24 -2.14 -24.86
C GLU A 33 -16.18 -3.21 -24.32
N ILE A 34 -15.88 -3.71 -23.12
CA ILE A 34 -16.73 -4.72 -22.53
C ILE A 34 -18.09 -4.14 -22.16
N GLU A 35 -18.12 -2.90 -21.66
CA GLU A 35 -19.41 -2.28 -21.34
C GLU A 35 -20.24 -2.08 -22.61
N ARG A 36 -19.59 -1.60 -23.65
CA ARG A 36 -20.21 -1.37 -24.95
C ARG A 36 -20.86 -2.67 -25.42
N ILE A 37 -20.10 -3.75 -25.35
CA ILE A 37 -20.62 -5.04 -25.77
C ILE A 37 -21.77 -5.51 -24.88
N ASN A 38 -21.58 -5.50 -23.56
CA ASN A 38 -22.65 -5.88 -22.62
C ASN A 38 -23.97 -5.20 -22.94
N LYS A 39 -23.89 -3.89 -23.18
CA LYS A 39 -25.05 -3.09 -23.49
C LYS A 39 -25.71 -3.46 -24.82
N LEU A 40 -24.91 -3.65 -25.87
CA LEU A 40 -25.52 -4.07 -27.14
C LEU A 40 -26.10 -5.50 -27.10
N ILE A 41 -25.43 -6.41 -26.41
CA ILE A 41 -25.95 -7.75 -26.14
C ILE A 41 -27.31 -7.65 -25.47
N LYS A 42 -27.41 -6.75 -24.49
CA LYS A 42 -28.67 -6.45 -23.84
C LYS A 42 -29.73 -5.93 -24.82
N GLN A 43 -29.37 -4.94 -25.66
CA GLN A 43 -30.32 -4.29 -26.55
C GLN A 43 -30.81 -5.15 -27.70
N ASN A 44 -30.00 -6.14 -28.07
CA ASN A 44 -30.40 -7.05 -29.14
C ASN A 44 -31.16 -8.25 -28.59
N GLY A 45 -31.41 -8.19 -27.27
CA GLY A 45 -32.26 -9.12 -26.58
C GLY A 45 -31.68 -10.51 -26.32
N LEU A 46 -30.35 -10.59 -26.15
CA LEU A 46 -29.75 -11.89 -25.87
C LEU A 46 -29.96 -12.26 -24.39
N LEU A 47 -30.71 -13.33 -24.14
CA LEU A 47 -31.36 -13.61 -22.85
C LEU A 47 -32.25 -12.45 -22.41
N SER B 2 23.06 7.16 1.51
CA SER B 2 22.28 6.38 0.57
C SER B 2 20.99 5.87 1.22
N GLU B 3 20.89 6.04 2.53
CA GLU B 3 19.86 5.40 3.33
C GLU B 3 18.40 5.85 3.02
N ARG B 4 18.17 7.17 2.95
CA ARG B 4 16.82 7.69 2.69
C ARG B 4 16.40 7.38 1.25
N GLN B 5 17.38 7.39 0.36
CA GLN B 5 17.17 7.06 -1.03
C GLN B 5 16.74 5.60 -1.19
N ILE B 6 17.44 4.71 -0.50
CA ILE B 6 17.15 3.27 -0.60
C ILE B 6 15.76 3.01 -0.07
N LEU B 7 15.45 3.65 1.07
CA LEU B 7 14.11 3.57 1.66
C LEU B 7 12.99 4.06 0.72
N ARG B 8 13.22 5.16 0.00
CA ARG B 8 12.23 5.64 -0.94
C ARG B 8 12.07 4.73 -2.12
N ILE B 9 13.19 4.14 -2.55
CA ILE B 9 13.13 3.18 -3.61
C ILE B 9 12.24 2.02 -3.18
N LYS B 10 12.41 1.56 -1.95
CA LYS B 10 11.62 0.42 -1.44
C LYS B 10 10.14 0.77 -1.30
N GLN B 11 9.90 2.00 -0.90
CA GLN B 11 8.56 2.52 -0.86
C GLN B 11 7.88 2.45 -2.25
N ASN B 12 8.62 2.90 -3.27
CA ASN B 12 8.11 2.88 -4.62
C ASN B 12 7.88 1.46 -5.10
N ILE B 13 8.74 0.54 -4.65
CA ILE B 13 8.59 -0.85 -5.04
C ILE B 13 7.28 -1.37 -4.49
N ASN B 14 6.98 -1.03 -3.24
CA ASN B 14 5.74 -1.49 -2.67
C ASN B 14 4.51 -0.88 -3.35
N GLN B 15 4.58 0.40 -3.71
CA GLN B 15 3.44 1.04 -4.39
C GLN B 15 3.23 0.37 -5.75
N ILE B 16 4.33 0.07 -6.43
CA ILE B 16 4.22 -0.67 -7.66
C ILE B 16 3.61 -2.06 -7.46
N ALA B 17 4.08 -2.79 -6.45
CA ALA B 17 3.54 -4.15 -6.18
C ALA B 17 2.04 -4.10 -5.90
N THR B 18 1.63 -3.03 -5.22
CA THR B 18 0.22 -2.85 -4.86
C THR B 18 -0.64 -2.56 -6.11
N LYS B 19 -0.14 -1.67 -6.96
CA LYS B 19 -0.78 -1.43 -8.28
C LYS B 19 -0.90 -2.71 -9.13
N ILE B 20 0.20 -3.46 -9.24
CA ILE B 20 0.17 -4.72 -9.96
C ILE B 20 -0.91 -5.67 -9.43
N GLN B 21 -1.08 -5.69 -8.11
CA GLN B 21 -2.12 -6.54 -7.51
C GLN B 21 -3.52 -6.11 -7.97
N HIS B 22 -3.76 -4.80 -7.91
CA HIS B 22 -5.04 -4.27 -8.40
C HIS B 22 -5.30 -4.57 -9.88
N ILE B 23 -4.22 -4.54 -10.66
CA ILE B 23 -4.29 -4.84 -12.08
C ILE B 23 -4.64 -6.31 -12.33
N GLU B 24 -4.02 -7.22 -11.56
CA GLU B 24 -4.35 -8.65 -11.69
C GLU B 24 -5.81 -8.92 -11.38
N PHE B 25 -6.31 -8.31 -10.30
CA PHE B 25 -7.73 -8.41 -9.99
C PHE B 25 -8.61 -7.87 -11.15
N SER B 26 -8.23 -6.73 -11.73
CA SER B 26 -8.98 -6.19 -12.87
C SER B 26 -9.01 -7.16 -14.06
N ILE B 27 -7.87 -7.78 -14.34
CA ILE B 27 -7.77 -8.74 -15.42
C ILE B 27 -8.67 -9.95 -15.15
N SER B 28 -8.61 -10.52 -13.94
CA SER B 28 -9.50 -11.60 -13.56
C SER B 28 -10.98 -11.27 -13.78
N GLU B 29 -11.39 -10.05 -13.41
CA GLU B 29 -12.78 -9.63 -13.63
C GLU B 29 -13.14 -9.54 -15.11
N ILE B 30 -12.25 -8.93 -15.90
CA ILE B 30 -12.46 -8.88 -17.34
C ILE B 30 -12.63 -10.30 -17.90
N GLU B 31 -11.77 -11.21 -17.47
CA GLU B 31 -11.84 -12.57 -17.98
C GLU B 31 -13.15 -13.28 -17.62
N GLN B 32 -13.69 -12.99 -16.44
CA GLN B 32 -14.98 -13.55 -16.08
C GLN B 32 -16.12 -12.96 -16.92
N GLU B 33 -16.07 -11.64 -17.13
CA GLU B 33 -17.08 -11.00 -17.99
C GLU B 33 -17.05 -11.55 -19.42
N ILE B 34 -15.86 -11.73 -19.97
CA ILE B 34 -15.72 -12.31 -21.31
C ILE B 34 -16.24 -13.75 -21.36
N GLU B 35 -15.99 -14.50 -20.28
CA GLU B 35 -16.54 -15.86 -20.17
C GLU B 35 -18.09 -15.84 -20.24
N ARG B 36 -18.68 -14.89 -19.50
CA ARG B 36 -20.12 -14.70 -19.45
C ARG B 36 -20.69 -14.29 -20.82
N ILE B 37 -20.01 -13.34 -21.47
CA ILE B 37 -20.41 -12.93 -22.80
C ILE B 37 -20.40 -14.11 -23.79
N ASN B 38 -19.33 -14.91 -23.78
CA ASN B 38 -19.29 -16.10 -24.63
C ASN B 38 -20.41 -17.09 -24.32
N LYS B 39 -20.78 -17.19 -23.06
CA LYS B 39 -21.90 -18.04 -22.70
C LYS B 39 -23.16 -17.51 -23.40
N LEU B 40 -23.46 -16.23 -23.22
CA LEU B 40 -24.69 -15.67 -23.80
C LEU B 40 -24.73 -15.75 -25.31
N ILE B 41 -23.59 -15.51 -25.94
CA ILE B 41 -23.52 -15.61 -27.39
C ILE B 41 -23.84 -17.04 -27.83
N LYS B 42 -23.29 -18.01 -27.09
CA LYS B 42 -23.54 -19.42 -27.38
C LYS B 42 -25.02 -19.79 -27.27
N GLN B 43 -25.61 -19.50 -26.11
CA GLN B 43 -27.02 -19.79 -25.85
C GLN B 43 -27.96 -19.19 -26.90
N ASN B 44 -27.56 -18.08 -27.50
CA ASN B 44 -28.40 -17.40 -28.47
C ASN B 44 -28.16 -17.85 -29.90
N GLY B 45 -27.28 -18.84 -30.06
CA GLY B 45 -27.05 -19.47 -31.35
C GLY B 45 -26.49 -18.53 -32.41
N LEU B 46 -25.60 -17.63 -32.00
CA LEU B 46 -25.05 -16.67 -32.95
C LEU B 46 -23.98 -17.31 -33.82
N LEU B 47 -24.09 -17.11 -35.13
CA LEU B 47 -23.09 -17.55 -36.10
C LEU B 47 -22.84 -19.06 -36.02
N GLY C 1 -28.92 7.24 -7.36
CA GLY C 1 -28.47 8.35 -6.54
C GLY C 1 -26.99 8.24 -6.19
N SER C 2 -26.54 7.00 -6.05
CA SER C 2 -25.13 6.72 -5.80
C SER C 2 -24.24 7.34 -6.90
N GLU C 3 -24.74 7.38 -8.13
CA GLU C 3 -23.92 7.80 -9.28
C GLU C 3 -23.34 9.22 -9.13
N ARG C 4 -24.18 10.17 -8.77
CA ARG C 4 -23.71 11.54 -8.58
C ARG C 4 -22.72 11.69 -7.40
N GLN C 5 -23.05 11.08 -6.27
CA GLN C 5 -22.17 11.13 -5.10
C GLN C 5 -20.82 10.48 -5.41
N ILE C 6 -20.86 9.37 -6.14
CA ILE C 6 -19.63 8.74 -6.61
C ILE C 6 -18.83 9.68 -7.48
N LEU C 7 -19.50 10.37 -8.41
CA LEU C 7 -18.82 11.39 -9.20
C LEU C 7 -18.11 12.44 -8.35
N ARG C 8 -18.79 12.93 -7.33
CA ARG C 8 -18.23 13.96 -6.45
C ARG C 8 -17.05 13.44 -5.66
N ILE C 9 -17.19 12.24 -5.12
CA ILE C 9 -16.10 11.52 -4.47
C ILE C 9 -14.86 11.42 -5.37
N LYS C 10 -15.05 10.99 -6.61
CA LYS C 10 -13.94 10.87 -7.55
C LYS C 10 -13.25 12.23 -7.75
N GLN C 11 -14.06 13.28 -7.93
CA GLN C 11 -13.48 14.61 -8.08
C GLN C 11 -12.62 15.02 -6.89
N ASN C 12 -13.16 14.79 -5.68
CA ASN C 12 -12.41 15.05 -4.45
C ASN C 12 -11.09 14.30 -4.42
N ILE C 13 -11.15 13.01 -4.75
CA ILE C 13 -9.96 12.20 -4.73
C ILE C 13 -8.90 12.73 -5.70
N ASN C 14 -9.32 13.09 -6.90
CA ASN C 14 -8.41 13.74 -7.88
C ASN C 14 -7.75 15.01 -7.33
N GLN C 15 -8.57 15.89 -6.75
CA GLN C 15 -8.05 17.11 -6.12
C GLN C 15 -7.00 16.76 -5.08
N ILE C 16 -7.32 15.76 -4.26
CA ILE C 16 -6.40 15.34 -3.20
C ILE C 16 -5.09 14.84 -3.79
N ALA C 17 -5.16 14.05 -4.86
CA ALA C 17 -3.93 13.49 -5.44
C ALA C 17 -3.05 14.61 -6.00
N THR C 18 -3.69 15.61 -6.58
CA THR C 18 -2.95 16.75 -7.11
C THR C 18 -2.29 17.52 -5.99
N LYS C 19 -3.03 17.65 -4.90
CA LYS C 19 -2.48 18.31 -3.74
C LYS C 19 -1.31 17.53 -3.20
N ILE C 20 -1.40 16.20 -3.23
CA ILE C 20 -0.31 15.36 -2.75
C ILE C 20 0.93 15.63 -3.59
N GLN C 21 0.76 15.60 -4.91
CA GLN C 21 1.85 15.91 -5.83
C GLN C 21 2.53 17.26 -5.48
N HIS C 22 1.71 18.28 -5.22
CA HIS C 22 2.27 19.60 -4.90
C HIS C 22 3.02 19.61 -3.57
N ILE C 23 2.52 18.81 -2.63
CA ILE C 23 3.21 18.66 -1.35
C ILE C 23 4.56 17.96 -1.53
N GLU C 24 4.58 16.90 -2.32
CA GLU C 24 5.82 16.19 -2.62
C GLU C 24 6.85 17.09 -3.29
N PHE C 25 6.39 17.93 -4.21
CA PHE C 25 7.27 18.92 -4.85
C PHE C 25 7.89 19.85 -3.81
N SER C 26 7.04 20.39 -2.92
CA SER C 26 7.57 21.23 -1.84
C SER C 26 8.59 20.49 -0.96
N ILE C 27 8.29 19.24 -0.60
CA ILE C 27 9.23 18.43 0.15
C ILE C 27 10.57 18.34 -0.57
N SER C 28 10.55 18.14 -1.89
CA SER C 28 11.83 18.00 -2.60
C SER C 28 12.62 19.33 -2.64
N GLU C 29 11.90 20.43 -2.75
CA GLU C 29 12.58 21.73 -2.68
C GLU C 29 13.20 21.95 -1.30
N ILE C 30 12.45 21.65 -0.25
CA ILE C 30 12.97 21.81 1.11
C ILE C 30 14.17 20.91 1.34
N GLU C 31 14.11 19.68 0.83
CA GLU C 31 15.21 18.76 1.06
C GLU C 31 16.49 19.21 0.35
N GLN C 32 16.33 19.78 -0.85
CA GLN C 32 17.44 20.38 -1.59
C GLN C 32 18.04 21.57 -0.85
N GLU C 33 17.18 22.45 -0.36
CA GLU C 33 17.60 23.52 0.55
C GLU C 33 18.42 23.02 1.75
N ILE C 34 17.92 21.97 2.41
CA ILE C 34 18.59 21.47 3.59
C ILE C 34 19.98 20.92 3.21
N GLU C 35 20.09 20.24 2.07
CA GLU C 35 21.45 19.79 1.71
C GLU C 35 22.42 20.95 1.32
N ARG C 36 21.91 22.00 0.69
CA ARG C 36 22.75 23.18 0.45
C ARG C 36 23.25 23.78 1.78
N ILE C 37 22.34 23.90 2.75
CA ILE C 37 22.72 24.43 4.04
C ILE C 37 23.72 23.51 4.77
N ASN C 38 23.49 22.20 4.75
CA ASN C 38 24.46 21.24 5.29
C ASN C 38 25.85 21.38 4.68
N LYS C 39 25.90 21.40 3.35
CA LYS C 39 27.16 21.55 2.64
C LYS C 39 27.91 22.81 3.07
N LEU C 40 27.19 23.93 3.11
CA LEU C 40 27.79 25.23 3.43
C LEU C 40 28.24 25.30 4.89
N ILE C 41 27.48 24.65 5.76
CA ILE C 41 27.82 24.59 7.17
C ILE C 41 29.09 23.79 7.37
N LYS C 42 29.21 22.68 6.66
CA LYS C 42 30.42 21.87 6.74
C LYS C 42 31.60 22.68 6.22
N GLN C 43 31.41 23.34 5.08
CA GLN C 43 32.50 24.08 4.44
C GLN C 43 33.04 25.23 5.28
N ASN C 44 32.19 25.83 6.12
CA ASN C 44 32.67 26.90 6.98
C ASN C 44 33.27 26.38 8.29
N GLY C 45 33.44 25.07 8.39
CA GLY C 45 34.08 24.41 9.51
C GLY C 45 33.23 24.36 10.77
N LEU C 46 31.92 24.39 10.60
CA LEU C 46 31.00 24.40 11.74
C LEU C 46 30.72 22.96 12.19
N LEU C 47 31.57 22.39 13.03
CA LEU C 47 31.37 21.01 13.46
C LEU C 47 31.22 20.89 14.98
N GLY C 48 31.37 19.68 15.51
CA GLY C 48 31.18 19.42 16.92
C GLY C 48 32.33 18.70 17.60
N SER D 2 26.74 -0.83 0.42
CA SER D 2 25.43 -1.38 0.71
C SER D 2 24.94 -2.33 -0.40
N GLU D 3 25.81 -3.23 -0.82
CA GLU D 3 25.59 -4.04 -2.01
C GLU D 3 24.43 -5.02 -1.90
N ARG D 4 24.21 -5.59 -0.71
CA ARG D 4 23.24 -6.67 -0.55
C ARG D 4 21.81 -6.16 -0.62
N GLN D 5 21.63 -4.93 -0.17
CA GLN D 5 20.35 -4.27 -0.21
C GLN D 5 20.08 -3.85 -1.67
N ILE D 6 21.14 -3.54 -2.38
CA ILE D 6 21.05 -3.21 -3.81
C ILE D 6 20.61 -4.45 -4.59
N LEU D 7 21.22 -5.58 -4.28
CA LEU D 7 20.84 -6.83 -4.92
C LEU D 7 19.40 -7.22 -4.61
N ARG D 8 18.98 -7.03 -3.37
CA ARG D 8 17.62 -7.28 -2.94
C ARG D 8 16.60 -6.50 -3.79
N ILE D 9 16.86 -5.21 -3.94
CA ILE D 9 16.06 -4.35 -4.80
C ILE D 9 16.03 -4.84 -6.26
N LYS D 10 17.21 -5.13 -6.82
CA LYS D 10 17.29 -5.60 -8.22
C LYS D 10 16.50 -6.90 -8.44
N GLN D 11 16.51 -7.76 -7.42
CA GLN D 11 15.71 -8.96 -7.47
C GLN D 11 14.23 -8.62 -7.54
N ASN D 12 13.76 -7.74 -6.65
CA ASN D 12 12.36 -7.30 -6.70
C ASN D 12 11.99 -6.71 -8.09
N ILE D 13 12.85 -5.89 -8.67
CA ILE D 13 12.63 -5.38 -10.03
C ILE D 13 12.47 -6.48 -11.07
N ASN D 14 13.38 -7.45 -11.09
CA ASN D 14 13.15 -8.60 -11.97
C ASN D 14 11.79 -9.28 -11.74
N GLN D 15 11.42 -9.47 -10.47
CA GLN D 15 10.18 -10.17 -10.15
C GLN D 15 8.97 -9.39 -10.66
N ILE D 16 9.06 -8.09 -10.51
CA ILE D 16 8.04 -7.21 -11.05
C ILE D 16 7.96 -7.26 -12.57
N ALA D 17 9.11 -7.18 -13.23
CA ALA D 17 9.14 -7.22 -14.70
C ALA D 17 8.52 -8.51 -15.22
N THR D 18 8.79 -9.61 -14.54
CA THR D 18 8.20 -10.88 -14.92
C THR D 18 6.68 -10.84 -14.80
N LYS D 19 6.24 -10.26 -13.70
CA LYS D 19 4.79 -10.05 -13.52
C LYS D 19 4.17 -9.18 -14.63
N ILE D 20 4.85 -8.08 -14.97
CA ILE D 20 4.41 -7.20 -16.04
C ILE D 20 4.27 -8.02 -17.31
N GLN D 21 5.25 -8.88 -17.56
CA GLN D 21 5.24 -9.72 -18.75
C GLN D 21 3.98 -10.57 -18.84
N HIS D 22 3.69 -11.31 -17.77
CA HIS D 22 2.50 -12.14 -17.79
C HIS D 22 1.25 -11.30 -18.01
N ILE D 23 1.20 -10.17 -17.32
CA ILE D 23 0.08 -9.27 -17.43
C ILE D 23 -0.15 -8.82 -18.88
N GLU D 24 0.92 -8.35 -19.52
CA GLU D 24 0.85 -7.93 -20.92
C GLU D 24 0.36 -9.03 -21.83
N PHE D 25 0.82 -10.26 -21.59
CA PHE D 25 0.33 -11.41 -22.36
C PHE D 25 -1.17 -11.69 -22.17
N SER D 26 -1.63 -11.69 -20.92
CA SER D 26 -3.06 -11.84 -20.63
C SER D 26 -3.87 -10.76 -21.35
N ILE D 27 -3.32 -9.54 -21.37
CA ILE D 27 -4.00 -8.47 -22.08
C ILE D 27 -4.10 -8.76 -23.58
N SER D 28 -2.99 -9.21 -24.16
CA SER D 28 -2.99 -9.66 -25.55
C SER D 28 -4.15 -10.61 -25.84
N GLU D 29 -4.23 -11.67 -25.03
CA GLU D 29 -5.26 -12.69 -25.22
C GLU D 29 -6.66 -12.10 -25.15
N ILE D 30 -6.88 -11.26 -24.15
CA ILE D 30 -8.16 -10.56 -24.00
C ILE D 30 -8.53 -9.75 -25.25
N GLU D 31 -7.61 -8.91 -25.71
CA GLU D 31 -7.81 -8.09 -26.92
C GLU D 31 -8.17 -8.93 -28.14
N GLN D 32 -7.54 -10.10 -28.28
CA GLN D 32 -7.90 -10.99 -29.38
C GLN D 32 -9.29 -11.62 -29.22
N GLU D 33 -9.63 -11.98 -27.99
CA GLU D 33 -10.97 -12.51 -27.72
C GLU D 33 -12.04 -11.48 -28.02
N ILE D 34 -11.79 -10.24 -27.62
CA ILE D 34 -12.70 -9.14 -27.89
C ILE D 34 -12.83 -8.84 -29.40
N GLU D 35 -11.71 -8.87 -30.12
CA GLU D 35 -11.73 -8.72 -31.58
C GLU D 35 -12.63 -9.78 -32.21
N ARG D 36 -12.47 -11.02 -31.74
CA ARG D 36 -13.29 -12.14 -32.18
C ARG D 36 -14.79 -11.93 -31.93
N ILE D 37 -15.11 -11.50 -30.72
CA ILE D 37 -16.50 -11.25 -30.35
C ILE D 37 -17.10 -10.13 -31.20
N ASN D 38 -16.32 -9.09 -31.44
CA ASN D 38 -16.75 -7.97 -32.30
C ASN D 38 -17.04 -8.45 -33.70
N LYS D 39 -16.16 -9.31 -34.19
CA LYS D 39 -16.30 -9.88 -35.52
C LYS D 39 -17.65 -10.57 -35.60
N LEU D 40 -17.90 -11.52 -34.70
CA LEU D 40 -19.14 -12.28 -34.80
C LEU D 40 -20.38 -11.40 -34.56
N ILE D 41 -20.21 -10.35 -33.76
CA ILE D 41 -21.27 -9.38 -33.56
C ILE D 41 -21.64 -8.71 -34.89
N LYS D 42 -20.62 -8.20 -35.58
CA LYS D 42 -20.81 -7.56 -36.87
C LYS D 42 -21.48 -8.53 -37.84
N GLN D 43 -20.98 -9.75 -37.86
CA GLN D 43 -21.48 -10.76 -38.78
C GLN D 43 -22.95 -11.09 -38.56
N ASN D 44 -23.38 -11.18 -37.30
CA ASN D 44 -24.78 -11.51 -37.07
C ASN D 44 -25.69 -10.30 -37.18
N GLY D 45 -25.10 -9.15 -37.51
CA GLY D 45 -25.89 -7.98 -37.85
C GLY D 45 -26.71 -7.39 -36.71
N LEU D 46 -26.20 -7.56 -35.49
CA LEU D 46 -26.79 -6.91 -34.32
C LEU D 46 -26.82 -5.39 -34.47
N LEU D 47 -27.85 -4.74 -33.92
CA LEU D 47 -27.95 -3.29 -33.97
C LEU D 47 -27.26 -2.61 -32.77
N GLY D 48 -26.90 -1.35 -32.93
CA GLY D 48 -26.29 -0.57 -31.85
C GLY D 48 -24.83 -0.25 -32.11
N ASP D 49 -23.95 -0.62 -31.17
CA ASP D 49 -22.49 -0.45 -31.29
C ASP D 49 -22.07 1.02 -31.13
N SER E 2 -22.21 -0.49 -8.98
CA SER E 2 -21.29 0.46 -8.36
C SER E 2 -20.26 -0.22 -7.46
N GLU E 3 -20.24 -1.55 -7.51
CA GLU E 3 -19.38 -2.35 -6.66
C GLU E 3 -17.89 -2.24 -7.05
N ARG E 4 -17.62 -2.38 -8.35
CA ARG E 4 -16.26 -2.24 -8.89
C ARG E 4 -15.73 -0.84 -8.63
N GLN E 5 -16.57 0.16 -8.91
CA GLN E 5 -16.19 1.55 -8.72
C GLN E 5 -15.86 1.86 -7.26
N ILE E 6 -16.68 1.37 -6.35
CA ILE E 6 -16.49 1.67 -4.94
C ILE E 6 -15.21 1.02 -4.43
N LEU E 7 -14.99 -0.22 -4.84
CA LEU E 7 -13.75 -0.90 -4.51
C LEU E 7 -12.52 -0.13 -5.02
N ARG E 8 -12.58 0.38 -6.24
CA ARG E 8 -11.44 1.11 -6.81
C ARG E 8 -11.19 2.39 -6.08
N ILE E 9 -12.28 3.06 -5.72
CA ILE E 9 -12.16 4.24 -4.90
C ILE E 9 -11.46 3.92 -3.58
N LYS E 10 -11.83 2.78 -2.97
CA LYS E 10 -11.27 2.37 -1.70
C LYS E 10 -9.77 2.04 -1.84
N GLN E 11 -9.41 1.51 -3.02
CA GLN E 11 -8.02 1.24 -3.33
C GLN E 11 -7.22 2.56 -3.44
N ASN E 12 -7.79 3.52 -4.14
CA ASN E 12 -7.20 4.86 -4.24
C ASN E 12 -7.04 5.58 -2.90
N ILE E 13 -8.01 5.39 -2.01
CA ILE E 13 -7.92 5.95 -0.68
C ILE E 13 -6.76 5.30 0.07
N ASN E 14 -6.59 3.99 -0.07
CA ASN E 14 -5.45 3.36 0.57
C ASN E 14 -4.10 3.85 0.01
N GLN E 15 -4.04 4.08 -1.30
CA GLN E 15 -2.80 4.56 -1.89
C GLN E 15 -2.51 5.97 -1.39
N ILE E 16 -3.55 6.78 -1.32
CA ILE E 16 -3.39 8.13 -0.78
C ILE E 16 -2.89 8.09 0.65
N ALA E 17 -3.46 7.20 1.46
CA ALA E 17 -3.09 7.07 2.88
C ALA E 17 -1.64 6.64 3.02
N THR E 18 -1.22 5.75 2.13
CA THR E 18 0.15 5.27 2.16
C THR E 18 1.11 6.42 1.81
N LYS E 19 0.79 7.16 0.75
CA LYS E 19 1.57 8.37 0.43
C LYS E 19 1.61 9.42 1.53
N ILE E 20 0.48 9.67 2.19
CA ILE E 20 0.45 10.61 3.30
C ILE E 20 1.44 10.15 4.36
N GLN E 21 1.43 8.84 4.63
CA GLN E 21 2.33 8.31 5.64
C GLN E 21 3.82 8.55 5.28
N HIS E 22 4.17 8.35 4.01
CA HIS E 22 5.55 8.60 3.61
C HIS E 22 5.93 10.08 3.67
N ILE E 23 4.99 10.93 3.31
CA ILE E 23 5.17 12.36 3.51
C ILE E 23 5.43 12.74 4.96
N GLU E 24 4.66 12.17 5.88
CA GLU E 24 4.86 12.49 7.30
C GLU E 24 6.24 12.06 7.78
N PHE E 25 6.68 10.91 7.29
CA PHE E 25 8.04 10.48 7.62
C PHE E 25 9.11 11.46 7.08
N SER E 26 8.89 11.95 5.86
CA SER E 26 9.81 12.93 5.28
C SER E 26 9.82 14.25 6.07
N ILE E 27 8.64 14.72 6.48
CA ILE E 27 8.50 15.91 7.32
C ILE E 27 9.31 15.76 8.61
N SER E 28 9.14 14.61 9.26
CA SER E 28 9.85 14.36 10.51
C SER E 28 11.37 14.35 10.33
N GLU E 29 11.83 13.80 9.21
CA GLU E 29 13.28 13.83 8.99
C GLU E 29 13.78 15.24 8.76
N ILE E 30 13.04 16.02 7.97
CA ILE E 30 13.42 17.41 7.77
C ILE E 30 13.48 18.16 9.09
N GLU E 31 12.48 17.95 9.96
CA GLU E 31 12.47 18.65 11.24
C GLU E 31 13.65 18.24 12.11
N GLN E 32 14.00 16.97 12.06
CA GLN E 32 15.19 16.51 12.79
C GLN E 32 16.46 17.14 12.25
N GLU E 33 16.53 17.32 10.93
CA GLU E 33 17.69 17.94 10.29
C GLU E 33 17.81 19.40 10.69
N ILE E 34 16.69 20.11 10.66
CA ILE E 34 16.66 21.50 11.05
C ILE E 34 17.10 21.66 12.50
N GLU E 35 16.67 20.73 13.34
CA GLU E 35 17.05 20.75 14.75
C GLU E 35 18.58 20.57 14.89
N ARG E 36 19.14 19.61 14.14
CA ARG E 36 20.59 19.44 14.15
C ARG E 36 21.32 20.71 13.68
N ILE E 37 20.87 21.28 12.57
CA ILE E 37 21.44 22.53 12.06
C ILE E 37 21.41 23.65 13.10
N ASN E 38 20.27 23.84 13.76
CA ASN E 38 20.15 24.85 14.81
C ASN E 38 21.12 24.63 15.96
N LYS E 39 21.27 23.36 16.33
CA LYS E 39 22.20 23.00 17.38
C LYS E 39 23.64 23.34 16.97
N LEU E 40 24.00 23.07 15.72
CA LEU E 40 25.34 23.40 15.27
C LEU E 40 25.57 24.90 15.25
N ILE E 41 24.60 25.66 14.75
CA ILE E 41 24.70 27.12 14.76
C ILE E 41 24.92 27.62 16.20
N LYS E 42 24.22 27.00 17.15
CA LYS E 42 24.34 27.39 18.57
C LYS E 42 25.72 27.08 19.18
N GLN E 43 26.14 25.82 19.10
CA GLN E 43 27.45 25.40 19.57
C GLN E 43 28.58 26.26 19.01
N ASN E 44 28.41 26.74 17.79
CA ASN E 44 29.42 27.55 17.10
C ASN E 44 29.26 29.05 17.34
N GLY E 45 28.39 29.41 18.29
CA GLY E 45 28.20 30.81 18.66
C GLY E 45 27.99 31.80 17.53
N LEU E 46 27.20 31.43 16.53
CA LEU E 46 26.90 32.37 15.47
C LEU E 46 25.90 33.41 15.95
N LEU E 47 26.09 34.66 15.53
CA LEU E 47 25.18 35.74 15.92
C LEU E 47 24.22 36.11 14.80
N GLY F 1 -27.58 0.13 1.51
CA GLY F 1 -26.23 -0.13 1.99
C GLY F 1 -25.15 0.46 1.11
N SER F 2 -25.57 1.17 0.05
CA SER F 2 -24.64 1.93 -0.78
C SER F 2 -24.41 3.31 -0.17
N GLU F 3 -25.48 3.90 0.34
CA GLU F 3 -25.37 5.18 1.04
C GLU F 3 -24.34 5.10 2.15
N ARG F 4 -24.30 3.93 2.81
CA ARG F 4 -23.40 3.67 3.93
C ARG F 4 -21.93 3.58 3.51
N GLN F 5 -21.70 2.95 2.36
CA GLN F 5 -20.37 2.87 1.76
C GLN F 5 -19.88 4.25 1.40
N ILE F 6 -20.71 4.98 0.68
CA ILE F 6 -20.37 6.32 0.25
C ILE F 6 -20.09 7.26 1.43
N LEU F 7 -20.84 7.07 2.51
CA LEU F 7 -20.65 7.87 3.70
C LEU F 7 -19.31 7.55 4.35
N ARG F 8 -19.00 6.26 4.38
CA ARG F 8 -17.73 5.77 4.91
C ARG F 8 -16.51 6.37 4.17
N ILE F 9 -16.59 6.32 2.84
CA ILE F 9 -15.60 6.94 1.96
C ILE F 9 -15.47 8.44 2.20
N LYS F 10 -16.61 9.15 2.25
CA LYS F 10 -16.57 10.59 2.56
C LYS F 10 -15.90 10.90 3.91
N GLN F 11 -16.13 10.05 4.91
CA GLN F 11 -15.46 10.24 6.18
C GLN F 11 -13.94 10.10 6.01
N ASN F 12 -13.50 9.06 5.30
CA ASN F 12 -12.06 8.91 5.01
C ASN F 12 -11.49 10.14 4.27
N ILE F 13 -12.24 10.65 3.32
CA ILE F 13 -11.85 11.87 2.61
C ILE F 13 -11.64 13.03 3.59
N ASN F 14 -12.61 13.28 4.47
CA ASN F 14 -12.39 14.31 5.49
C ASN F 14 -11.14 14.08 6.37
N GLN F 15 -10.95 12.86 6.85
CA GLN F 15 -9.75 12.54 7.65
C GLN F 15 -8.46 12.85 6.88
N ILE F 16 -8.48 12.54 5.59
CA ILE F 16 -7.33 12.78 4.73
C ILE F 16 -7.13 14.28 4.55
N ALA F 17 -8.17 14.98 4.15
CA ALA F 17 -8.14 16.44 4.03
C ALA F 17 -7.53 17.08 5.26
N THR F 18 -7.97 16.63 6.43
CA THR F 18 -7.46 17.15 7.72
C THR F 18 -5.96 16.91 7.87
N LYS F 19 -5.52 15.68 7.60
CA LYS F 19 -4.09 15.39 7.65
C LYS F 19 -3.30 16.28 6.68
N ILE F 20 -3.86 16.50 5.50
CA ILE F 20 -3.23 17.36 4.51
C ILE F 20 -3.08 18.78 5.08
N GLN F 21 -4.10 19.25 5.80
CA GLN F 21 -4.03 20.54 6.48
C GLN F 21 -2.83 20.64 7.41
N HIS F 22 -2.76 19.71 8.37
CA HIS F 22 -1.60 19.70 9.27
C HIS F 22 -0.29 19.72 8.51
N ILE F 23 -0.16 18.83 7.53
CA ILE F 23 1.04 18.76 6.70
C ILE F 23 1.43 20.09 6.00
N GLU F 24 0.46 20.79 5.44
CA GLU F 24 0.77 22.06 4.82
C GLU F 24 1.24 23.07 5.88
N PHE F 25 0.67 22.98 7.08
CA PHE F 25 1.08 23.86 8.17
C PHE F 25 2.54 23.59 8.57
N SER F 26 2.87 22.32 8.80
CA SER F 26 4.26 21.93 9.07
C SER F 26 5.22 22.43 8.00
N ILE F 27 4.80 22.36 6.74
CA ILE F 27 5.63 22.88 5.65
C ILE F 27 5.84 24.39 5.70
N SER F 28 4.79 25.14 6.02
CA SER F 28 4.94 26.59 6.12
C SER F 28 5.93 26.91 7.26
N GLU F 29 5.78 26.20 8.37
CA GLU F 29 6.67 26.39 9.51
C GLU F 29 8.11 26.07 9.15
N ILE F 30 8.30 24.95 8.48
CA ILE F 30 9.63 24.57 8.04
C ILE F 30 10.27 25.67 7.18
N GLU F 31 9.51 26.15 6.20
CA GLU F 31 9.96 27.26 5.35
C GLU F 31 10.34 28.52 6.13
N GLN F 32 9.57 28.85 7.16
CA GLN F 32 9.89 30.00 8.02
C GLN F 32 11.22 29.75 8.71
N GLU F 33 11.40 28.53 9.19
CA GLU F 33 12.64 28.19 9.86
C GLU F 33 13.84 28.31 8.92
N ILE F 34 13.68 27.81 7.70
CA ILE F 34 14.76 27.81 6.72
C ILE F 34 15.11 29.23 6.33
N GLU F 35 14.10 30.07 6.14
CA GLU F 35 14.35 31.48 5.85
C GLU F 35 15.16 32.15 6.96
N ARG F 36 14.80 31.89 8.22
CA ARG F 36 15.59 32.45 9.31
C ARG F 36 17.03 31.91 9.41
N ILE F 37 17.21 30.62 9.15
CA ILE F 37 18.56 30.07 9.09
C ILE F 37 19.32 30.74 7.95
N ASN F 38 18.67 30.97 6.83
CA ASN F 38 19.30 31.60 5.68
C ASN F 38 19.80 33.01 5.98
N LYS F 39 18.92 33.85 6.54
CA LYS F 39 19.31 35.21 6.87
C LYS F 39 20.42 35.17 7.91
N LEU F 40 20.36 34.20 8.81
CA LEU F 40 21.36 34.10 9.87
C LEU F 40 22.71 33.67 9.27
N ILE F 41 22.67 32.89 8.19
CA ILE F 41 23.87 32.49 7.51
C ILE F 41 24.49 33.72 6.84
N LYS F 42 23.66 34.48 6.12
CA LYS F 42 24.17 35.63 5.37
C LYS F 42 24.68 36.73 6.28
N GLN F 43 24.02 36.89 7.43
CA GLN F 43 24.40 37.86 8.45
C GLN F 43 25.80 37.57 8.99
N ASN F 44 26.11 36.29 9.14
CA ASN F 44 27.39 35.90 9.71
C ASN F 44 28.50 35.80 8.66
N GLY F 45 28.17 36.15 7.42
CA GLY F 45 29.15 36.21 6.34
C GLY F 45 29.83 34.89 5.99
N LEU F 46 29.11 33.78 6.11
CA LEU F 46 29.66 32.49 5.74
C LEU F 46 29.87 32.45 4.23
N LEU F 47 30.91 31.78 3.77
CA LEU F 47 31.16 31.65 2.35
C LEU F 47 30.44 30.39 1.82
N GLY F 48 30.35 30.27 0.49
CA GLY F 48 29.62 29.18 -0.16
C GLY F 48 28.33 29.65 -0.81
N ASP F 49 27.27 28.83 -0.66
CA ASP F 49 25.92 29.00 -1.27
C ASP F 49 25.78 28.21 -2.58
N GLU G 3 -25.28 -18.34 -2.06
CA GLU G 3 -24.97 -19.27 -0.97
C GLU G 3 -25.01 -18.58 0.38
N ARG G 4 -25.53 -19.31 1.38
CA ARG G 4 -25.68 -18.77 2.73
C ARG G 4 -24.36 -18.31 3.33
N GLN G 5 -23.32 -19.12 3.13
CA GLN G 5 -22.02 -18.82 3.71
C GLN G 5 -21.50 -17.51 3.11
N ILE G 6 -21.74 -17.30 1.82
CA ILE G 6 -21.28 -16.08 1.17
C ILE G 6 -21.96 -14.84 1.74
N LEU G 7 -23.27 -14.90 1.91
CA LEU G 7 -24.03 -13.78 2.47
C LEU G 7 -23.56 -13.46 3.88
N ARG G 8 -23.33 -14.52 4.67
CA ARG G 8 -22.83 -14.38 6.03
C ARG G 8 -21.43 -13.76 6.06
N ILE G 9 -20.59 -14.16 5.11
CA ILE G 9 -19.26 -13.59 4.96
C ILE G 9 -19.37 -12.10 4.67
N LYS G 10 -20.27 -11.74 3.75
CA LYS G 10 -20.41 -10.35 3.33
C LYS G 10 -20.90 -9.48 4.48
N GLN G 11 -21.82 -10.00 5.29
CA GLN G 11 -22.31 -9.25 6.43
C GLN G 11 -21.24 -9.15 7.52
N ASN G 12 -20.40 -10.18 7.64
CA ASN G 12 -19.29 -10.10 8.58
C ASN G 12 -18.32 -8.99 8.15
N ILE G 13 -18.06 -8.94 6.85
CA ILE G 13 -17.21 -7.92 6.27
C ILE G 13 -17.84 -6.54 6.44
N ASN G 14 -19.15 -6.46 6.34
CA ASN G 14 -19.86 -5.21 6.58
C ASN G 14 -19.65 -4.76 8.02
N GLN G 15 -19.76 -5.71 8.93
CA GLN G 15 -19.62 -5.41 10.36
C GLN G 15 -18.19 -4.93 10.65
N ILE G 16 -17.22 -5.62 10.07
CA ILE G 16 -15.82 -5.26 10.19
C ILE G 16 -15.52 -3.87 9.63
N ALA G 17 -16.09 -3.57 8.46
CA ALA G 17 -15.85 -2.30 7.81
C ALA G 17 -16.43 -1.18 8.67
N THR G 18 -17.60 -1.45 9.23
CA THR G 18 -18.24 -0.50 10.14
C THR G 18 -17.41 -0.26 11.41
N LYS G 19 -16.84 -1.31 11.97
CA LYS G 19 -16.03 -1.16 13.18
C LYS G 19 -14.81 -0.33 12.88
N ILE G 20 -14.16 -0.65 11.77
CA ILE G 20 -12.99 0.09 11.35
C ILE G 20 -13.30 1.56 11.10
N GLN G 21 -14.46 1.82 10.52
CA GLN G 21 -14.91 3.17 10.24
C GLN G 21 -15.05 3.95 11.56
N HIS G 22 -15.61 3.30 12.57
CA HIS G 22 -15.71 3.93 13.88
C HIS G 22 -14.31 4.15 14.46
N ILE G 23 -13.42 3.19 14.24
CA ILE G 23 -12.05 3.29 14.74
C ILE G 23 -11.30 4.47 14.12
N GLU G 24 -11.50 4.69 12.81
CA GLU G 24 -10.79 5.75 12.09
C GLU G 24 -11.34 7.11 12.49
N PHE G 25 -12.67 7.18 12.61
CA PHE G 25 -13.31 8.38 13.11
C PHE G 25 -12.74 8.77 14.48
N SER G 26 -12.85 7.83 15.42
CA SER G 26 -12.27 8.02 16.75
C SER G 26 -10.77 8.40 16.75
N ILE G 27 -9.95 7.74 15.92
CA ILE G 27 -8.53 8.08 15.86
C ILE G 27 -8.31 9.52 15.38
N SER G 28 -9.03 9.90 14.33
CA SER G 28 -8.93 11.25 13.80
C SER G 28 -9.24 12.25 14.94
N GLU G 29 -10.30 11.94 15.70
CA GLU G 29 -10.61 12.77 16.86
C GLU G 29 -9.48 12.81 17.90
N ILE G 30 -8.90 11.65 18.23
CA ILE G 30 -7.79 11.59 19.18
C ILE G 30 -6.60 12.44 18.74
N GLU G 31 -6.25 12.36 17.46
CA GLU G 31 -5.16 13.14 16.88
C GLU G 31 -5.41 14.65 16.97
N GLN G 32 -6.67 15.05 16.75
CA GLN G 32 -7.01 16.47 16.90
C GLN G 32 -6.92 16.92 18.37
N GLU G 33 -7.40 16.08 19.27
CA GLU G 33 -7.33 16.34 20.69
C GLU G 33 -5.88 16.48 21.19
N ILE G 34 -5.00 15.63 20.67
CA ILE G 34 -3.58 15.69 20.99
C ILE G 34 -2.92 16.96 20.42
N GLU G 35 -3.29 17.35 19.21
CA GLU G 35 -2.76 18.62 18.71
C GLU G 35 -3.21 19.79 19.60
N ARG G 36 -4.45 19.74 20.08
CA ARG G 36 -4.99 20.78 20.97
C ARG G 36 -4.25 20.84 22.29
N ILE G 37 -4.15 19.69 22.96
CA ILE G 37 -3.44 19.57 24.21
C ILE G 37 -1.99 20.04 24.06
N ASN G 38 -1.36 19.73 22.94
CA ASN G 38 -0.06 20.29 22.62
C ASN G 38 -0.08 21.80 22.58
N LYS G 39 -1.10 22.38 21.96
CA LYS G 39 -1.19 23.84 21.88
C LYS G 39 -1.34 24.44 23.28
N LEU G 40 -2.09 23.77 24.13
CA LEU G 40 -2.39 24.27 25.47
C LEU G 40 -1.20 24.24 26.41
N ILE G 41 -0.08 23.69 25.96
CA ILE G 41 1.10 23.64 26.81
C ILE G 41 2.20 24.54 26.24
N LYS G 42 2.06 24.88 24.96
CA LYS G 42 3.04 25.72 24.29
C LYS G 42 2.62 27.20 24.33
N SER H 2 -20.33 -16.58 -7.77
CA SER H 2 -19.59 -17.39 -6.79
C SER H 2 -18.09 -17.28 -6.98
N GLU H 3 -17.66 -17.43 -8.22
CA GLU H 3 -16.29 -17.17 -8.62
C GLU H 3 -16.02 -15.65 -8.46
N ARG H 4 -16.92 -14.87 -9.05
CA ARG H 4 -16.94 -13.42 -8.99
C ARG H 4 -17.02 -12.95 -7.54
N GLN H 5 -18.00 -13.49 -6.83
CA GLN H 5 -18.25 -13.09 -5.46
C GLN H 5 -17.02 -13.27 -4.57
N ILE H 6 -16.39 -14.41 -4.68
CA ILE H 6 -15.19 -14.72 -3.92
C ILE H 6 -13.99 -13.87 -4.32
N LEU H 7 -13.82 -13.62 -5.62
CA LEU H 7 -12.78 -12.72 -6.11
C LEU H 7 -12.89 -11.32 -5.43
N ARG H 8 -14.10 -10.78 -5.43
CA ARG H 8 -14.35 -9.47 -4.84
C ARG H 8 -14.17 -9.48 -3.34
N ILE H 9 -14.74 -10.48 -2.66
CA ILE H 9 -14.57 -10.63 -1.23
C ILE H 9 -13.08 -10.63 -0.87
N LYS H 10 -12.29 -11.36 -1.65
CA LYS H 10 -10.86 -11.37 -1.41
C LYS H 10 -10.22 -9.99 -1.56
N GLN H 11 -10.64 -9.23 -2.59
CA GLN H 11 -10.12 -7.86 -2.76
C GLN H 11 -10.45 -6.96 -1.59
N ASN H 12 -11.72 -6.99 -1.19
CA ASN H 12 -12.21 -6.23 -0.04
C ASN H 12 -11.41 -6.56 1.23
N ILE H 13 -11.16 -7.84 1.44
CA ILE H 13 -10.41 -8.24 2.62
C ILE H 13 -9.01 -7.66 2.53
N ASN H 14 -8.44 -7.65 1.33
CA ASN H 14 -7.14 -7.04 1.14
C ASN H 14 -7.08 -5.56 1.52
N GLN H 15 -8.08 -4.79 1.10
CA GLN H 15 -8.02 -3.38 1.43
C GLN H 15 -8.25 -3.16 2.91
N ILE H 16 -9.06 -4.02 3.51
CA ILE H 16 -9.27 -3.96 4.95
C ILE H 16 -7.98 -4.23 5.71
N ALA H 17 -7.27 -5.27 5.31
CA ALA H 17 -6.00 -5.62 5.93
C ALA H 17 -5.03 -4.44 5.83
N THR H 18 -5.04 -3.79 4.66
CA THR H 18 -4.23 -2.59 4.48
C THR H 18 -4.62 -1.51 5.51
N LYS H 19 -5.92 -1.21 5.63
CA LYS H 19 -6.39 -0.19 6.60
C LYS H 19 -5.96 -0.51 8.03
N ILE H 20 -5.99 -1.80 8.35
CA ILE H 20 -5.67 -2.27 9.69
C ILE H 20 -4.23 -1.94 9.96
N GLN H 21 -3.37 -2.24 9.00
CA GLN H 21 -1.95 -1.89 9.12
C GLN H 21 -1.75 -0.37 9.36
N HIS H 22 -2.41 0.46 8.55
CA HIS H 22 -2.29 1.92 8.79
C HIS H 22 -2.73 2.29 10.22
N ILE H 23 -3.81 1.67 10.69
CA ILE H 23 -4.37 1.95 12.00
C ILE H 23 -3.37 1.58 13.10
N GLU H 24 -2.74 0.43 12.96
CA GLU H 24 -1.80 -0.03 13.95
C GLU H 24 -0.62 0.94 14.08
N PHE H 25 -0.14 1.38 12.92
CA PHE H 25 0.93 2.36 12.94
C PHE H 25 0.51 3.71 13.58
N SER H 26 -0.72 4.16 13.27
CA SER H 26 -1.21 5.39 13.85
C SER H 26 -1.38 5.28 15.38
N ILE H 27 -1.80 4.10 15.86
CA ILE H 27 -1.99 3.88 17.28
C ILE H 27 -0.66 4.03 17.96
N SER H 28 0.34 3.34 17.44
CA SER H 28 1.65 3.45 18.08
C SER H 28 2.26 4.86 17.99
N GLU H 29 1.98 5.60 16.92
CA GLU H 29 2.41 7.01 16.89
C GLU H 29 1.70 7.86 17.95
N ILE H 30 0.43 7.56 18.17
CA ILE H 30 -0.33 8.28 19.19
C ILE H 30 0.23 7.98 20.57
N GLU H 31 0.59 6.72 20.81
CA GLU H 31 1.13 6.33 22.10
C GLU H 31 2.47 7.03 22.31
N GLN H 32 3.26 7.12 21.25
CA GLN H 32 4.53 7.86 21.35
C GLN H 32 4.32 9.34 21.71
N GLU H 33 3.29 9.94 21.11
CA GLU H 33 3.03 11.34 21.39
C GLU H 33 2.54 11.53 22.83
N ILE H 34 1.78 10.56 23.33
CA ILE H 34 1.33 10.61 24.70
C ILE H 34 2.48 10.45 25.67
N GLU H 35 3.46 9.62 25.33
CA GLU H 35 4.61 9.49 26.22
C GLU H 35 5.47 10.76 26.22
N ARG H 36 5.72 11.35 25.05
CA ARG H 36 6.50 12.59 25.05
C ARG H 36 5.76 13.72 25.80
N ILE H 37 4.44 13.78 25.64
CA ILE H 37 3.65 14.76 26.37
C ILE H 37 3.74 14.55 27.88
N ASN H 38 3.58 13.29 28.29
CA ASN H 38 3.68 12.96 29.70
C ASN H 38 5.04 13.37 30.28
N LYS H 39 6.10 13.25 29.49
CA LYS H 39 7.41 13.73 29.94
C LYS H 39 7.44 15.27 30.05
N LEU H 40 6.86 15.97 29.09
CA LEU H 40 6.87 17.43 29.12
C LEU H 40 6.15 18.06 30.32
N ILE H 41 5.27 17.29 30.97
CA ILE H 41 4.46 17.81 32.06
C ILE H 41 5.14 17.66 33.42
N SER I 2 -13.59 -24.12 -3.52
CA SER I 2 -14.90 -23.48 -3.41
C SER I 2 -15.35 -23.42 -1.95
N GLU I 3 -15.66 -24.58 -1.37
CA GLU I 3 -15.94 -24.68 0.06
C GLU I 3 -14.68 -24.31 0.87
N ARG I 4 -13.53 -24.74 0.36
CA ARG I 4 -12.25 -24.49 1.02
C ARG I 4 -11.86 -23.01 0.99
N GLN I 5 -12.01 -22.38 -0.17
CA GLN I 5 -11.79 -20.94 -0.31
C GLN I 5 -12.65 -20.19 0.69
N ILE I 6 -13.91 -20.60 0.81
CA ILE I 6 -14.85 -20.01 1.75
C ILE I 6 -14.35 -20.11 3.19
N LEU I 7 -13.91 -21.30 3.59
CA LEU I 7 -13.38 -21.50 4.93
C LEU I 7 -12.10 -20.69 5.23
N ARG I 8 -11.22 -20.56 4.23
CA ARG I 8 -10.02 -19.72 4.37
C ARG I 8 -10.38 -18.24 4.56
N ILE I 9 -11.37 -17.78 3.79
CA ILE I 9 -11.92 -16.44 3.98
C ILE I 9 -12.43 -16.24 5.43
N LYS I 10 -13.24 -17.17 5.93
CA LYS I 10 -13.73 -17.06 7.31
C LYS I 10 -12.59 -17.05 8.36
N GLN I 11 -11.54 -17.82 8.12
CA GLN I 11 -10.37 -17.73 8.99
C GLN I 11 -9.80 -16.31 8.99
N ASN I 12 -9.61 -15.76 7.78
CA ASN I 12 -9.12 -14.40 7.63
C ASN I 12 -9.96 -13.39 8.41
N ILE I 13 -11.27 -13.49 8.20
CA ILE I 13 -12.23 -12.67 8.92
C ILE I 13 -12.06 -12.79 10.43
N ASN I 14 -11.88 -14.02 10.92
CA ASN I 14 -11.60 -14.26 12.34
C ASN I 14 -10.38 -13.49 12.81
N GLN I 15 -9.27 -13.63 12.08
CA GLN I 15 -8.02 -12.93 12.41
C GLN I 15 -8.23 -11.41 12.47
N ILE I 16 -8.96 -10.89 11.48
CA ILE I 16 -9.27 -9.47 11.46
C ILE I 16 -10.08 -9.03 12.69
N ALA I 17 -11.12 -9.78 13.05
CA ALA I 17 -11.89 -9.52 14.26
C ALA I 17 -11.02 -9.49 15.52
N THR I 18 -10.10 -10.44 15.63
CA THR I 18 -9.13 -10.44 16.74
C THR I 18 -8.28 -9.15 16.82
N LYS I 19 -7.60 -8.83 15.72
CA LYS I 19 -6.85 -7.58 15.62
C LYS I 19 -7.71 -6.37 15.97
N ILE I 20 -8.96 -6.38 15.52
CA ILE I 20 -9.85 -5.26 15.82
C ILE I 20 -10.06 -5.12 17.32
N GLN I 21 -10.39 -6.21 17.99
CA GLN I 21 -10.47 -6.20 19.46
C GLN I 21 -9.20 -5.66 20.15
N HIS I 22 -8.03 -6.12 19.73
CA HIS I 22 -6.76 -5.53 20.25
C HIS I 22 -6.71 -4.01 20.06
N ILE I 23 -7.06 -3.56 18.85
CA ILE I 23 -7.06 -2.14 18.53
C ILE I 23 -8.01 -1.34 19.43
N GLU I 24 -9.21 -1.89 19.65
CA GLU I 24 -10.20 -1.26 20.53
C GLU I 24 -9.68 -1.15 21.95
N PHE I 25 -8.96 -2.18 22.41
CA PHE I 25 -8.31 -2.05 23.72
C PHE I 25 -7.32 -0.89 23.74
N SER I 26 -6.46 -0.82 22.71
CA SER I 26 -5.49 0.27 22.65
C SER I 26 -6.16 1.67 22.66
N ILE I 27 -7.21 1.83 21.85
CA ILE I 27 -7.94 3.10 21.82
C ILE I 27 -8.54 3.46 23.17
N SER I 28 -9.17 2.50 23.85
CA SER I 28 -9.72 2.81 25.17
C SER I 28 -8.62 3.26 26.14
N GLU I 29 -7.48 2.56 26.12
CA GLU I 29 -6.32 3.00 26.89
C GLU I 29 -5.96 4.46 26.58
N ILE I 30 -5.99 4.80 25.31
CA ILE I 30 -5.58 6.13 24.87
C ILE I 30 -6.54 7.18 25.39
N GLU I 31 -7.82 6.88 25.31
CA GLU I 31 -8.83 7.84 25.71
C GLU I 31 -8.74 8.05 27.24
N GLN I 32 -8.42 6.98 27.97
CA GLN I 32 -8.16 7.11 29.41
C GLN I 32 -6.97 8.03 29.70
N GLU I 33 -5.86 7.81 28.99
CA GLU I 33 -4.67 8.63 29.20
C GLU I 33 -4.90 10.10 28.88
N ILE I 34 -5.69 10.37 27.85
CA ILE I 34 -6.02 11.75 27.51
C ILE I 34 -6.97 12.36 28.54
N GLU I 35 -7.89 11.54 29.04
CA GLU I 35 -8.80 11.93 30.12
C GLU I 35 -8.01 12.39 31.34
N ARG I 36 -6.95 11.66 31.69
CA ARG I 36 -6.14 12.05 32.85
C ARG I 36 -5.14 13.17 32.55
N ILE I 37 -4.67 13.26 31.32
CA ILE I 37 -3.81 14.36 30.94
C ILE I 37 -4.57 15.70 30.97
N ASN I 38 -5.84 15.65 30.58
CA ASN I 38 -6.67 16.84 30.54
C ASN I 38 -6.90 17.47 31.91
N LYS I 39 -6.86 16.66 32.95
CA LYS I 39 -6.96 17.17 34.31
C LYS I 39 -5.70 17.93 34.69
N LEU I 40 -4.56 17.40 34.27
CA LEU I 40 -3.26 17.96 34.61
C LEU I 40 -2.95 19.28 33.88
N ILE I 41 -3.96 19.83 33.23
CA ILE I 41 -3.82 21.06 32.45
C ILE I 41 -4.84 22.12 32.89
N SER J 2 12.40 7.66 22.56
CA SER J 2 13.24 7.38 23.71
C SER J 2 13.53 5.88 23.86
N GLU J 3 12.76 5.20 24.72
CA GLU J 3 13.02 3.79 25.04
C GLU J 3 11.78 2.90 25.10
N ARG J 4 10.59 3.48 25.03
CA ARG J 4 9.36 2.68 25.01
C ARG J 4 9.04 2.21 23.59
N GLN J 5 9.29 3.10 22.64
CA GLN J 5 9.10 2.73 21.25
C GLN J 5 10.07 1.62 20.88
N ILE J 6 11.23 1.60 21.54
CA ILE J 6 12.19 0.51 21.36
C ILE J 6 11.55 -0.86 21.66
N LEU J 7 10.74 -0.90 22.72
CA LEU J 7 10.05 -2.13 23.07
C LEU J 7 8.94 -2.44 22.06
N ARG J 8 8.27 -1.39 21.57
CA ARG J 8 7.27 -1.58 20.51
C ARG J 8 7.89 -2.15 19.19
N ILE J 9 9.07 -1.64 18.87
CA ILE J 9 9.84 -2.09 17.72
C ILE J 9 10.18 -3.56 17.89
N LYS J 10 10.76 -3.92 19.03
CA LYS J 10 11.11 -5.31 19.29
C LYS J 10 9.89 -6.24 19.17
N GLN J 11 8.75 -5.79 19.69
CA GLN J 11 7.55 -6.58 19.55
C GLN J 11 7.21 -6.79 18.07
N ASN J 12 7.36 -5.70 17.29
CA ASN J 12 7.14 -5.78 15.85
C ASN J 12 8.04 -6.82 15.17
N ILE J 13 9.35 -6.73 15.45
CA ILE J 13 10.32 -7.70 14.94
C ILE J 13 9.94 -9.14 15.29
N ASN J 14 9.53 -9.38 16.53
CA ASN J 14 9.11 -10.72 16.96
C ASN J 14 7.91 -11.25 16.19
N GLN J 15 6.85 -10.46 16.14
CA GLN J 15 5.67 -10.84 15.36
C GLN J 15 6.01 -11.08 13.86
N ILE J 16 6.95 -10.31 13.34
CA ILE J 16 7.35 -10.51 11.95
C ILE J 16 8.09 -11.85 11.80
N ALA J 17 9.02 -12.13 12.72
CA ALA J 17 9.75 -13.39 12.71
C ALA J 17 8.78 -14.57 12.71
N THR J 18 7.73 -14.46 13.52
CA THR J 18 6.72 -15.51 13.59
C THR J 18 5.97 -15.68 12.26
N LYS J 19 5.45 -14.58 11.72
CA LYS J 19 4.81 -14.63 10.41
C LYS J 19 5.71 -15.27 9.34
N ILE J 20 6.98 -14.90 9.32
CA ILE J 20 7.92 -15.47 8.37
C ILE J 20 8.01 -16.99 8.54
N GLN J 21 8.31 -17.43 9.77
CA GLN J 21 8.30 -18.86 10.10
C GLN J 21 7.09 -19.60 9.46
N HIS J 22 5.89 -19.12 9.72
CA HIS J 22 4.70 -19.72 9.08
C HIS J 22 4.74 -19.69 7.53
N ILE J 23 5.19 -18.57 6.97
CA ILE J 23 5.34 -18.44 5.51
C ILE J 23 6.29 -19.49 4.93
N GLU J 24 7.44 -19.64 5.58
CA GLU J 24 8.42 -20.66 5.21
C GLU J 24 7.81 -22.06 5.21
N PHE J 25 6.98 -22.35 6.22
CA PHE J 25 6.24 -23.61 6.20
C PHE J 25 5.37 -23.76 4.94
N SER J 26 4.52 -22.76 4.69
CA SER J 26 3.64 -22.82 3.52
C SER J 26 4.43 -23.03 2.22
N ILE J 27 5.59 -22.36 2.12
CA ILE J 27 6.44 -22.48 0.94
C ILE J 27 6.95 -23.90 0.78
N SER J 28 7.57 -24.45 1.84
CA SER J 28 7.99 -25.85 1.81
C SER J 28 6.89 -26.80 1.32
N GLU J 29 5.69 -26.64 1.88
CA GLU J 29 4.59 -27.50 1.47
C GLU J 29 4.19 -27.31 0.01
N ILE J 30 4.21 -26.05 -0.46
CA ILE J 30 3.89 -25.77 -1.87
C ILE J 30 4.91 -26.41 -2.80
N GLU J 31 6.16 -26.40 -2.37
CA GLU J 31 7.22 -26.94 -3.19
C GLU J 31 7.06 -28.46 -3.32
N GLN J 32 6.78 -29.14 -2.21
CA GLN J 32 6.51 -30.59 -2.26
C GLN J 32 5.29 -30.93 -3.12
N GLU J 33 4.22 -30.15 -2.98
CA GLU J 33 3.06 -30.39 -3.83
C GLU J 33 3.36 -30.23 -5.32
N ILE J 34 4.20 -29.25 -5.67
CA ILE J 34 4.59 -29.06 -7.09
C ILE J 34 5.51 -30.18 -7.59
N GLU J 35 6.36 -30.70 -6.72
CA GLU J 35 7.21 -31.84 -7.05
C GLU J 35 6.35 -33.09 -7.38
N ARG J 36 5.43 -33.41 -6.47
CA ARG J 36 4.49 -34.50 -6.74
C ARG J 36 3.66 -34.28 -7.99
N ILE J 37 3.25 -33.03 -8.26
CA ILE J 37 2.47 -32.77 -9.47
C ILE J 37 3.29 -32.93 -10.76
N ASN J 38 4.56 -32.52 -10.70
CA ASN J 38 5.44 -32.65 -11.84
C ASN J 38 5.73 -34.12 -12.17
N LYS J 39 5.68 -34.98 -11.15
CA LYS J 39 5.85 -36.40 -11.42
C LYS J 39 4.67 -37.00 -12.18
N LEU J 40 3.49 -36.38 -12.04
CA LEU J 40 2.29 -36.90 -12.68
C LEU J 40 2.02 -36.33 -14.08
N ILE J 41 2.93 -35.51 -14.61
CA ILE J 41 2.69 -34.93 -15.94
C ILE J 41 3.82 -35.17 -16.95
N LYS J 42 3.58 -34.75 -18.20
CA LYS J 42 4.47 -35.00 -19.34
C LYS J 42 5.60 -33.98 -19.47
N GLN J 43 6.77 -34.31 -18.91
CA GLN J 43 7.89 -33.38 -18.85
C GLN J 43 8.57 -33.08 -20.19
N ARG K 4 22.48 1.87 21.07
CA ARG K 4 23.14 0.65 21.56
C ARG K 4 22.32 -0.64 21.37
N GLN K 5 21.05 -0.62 21.77
CA GLN K 5 20.14 -1.72 21.44
C GLN K 5 19.77 -1.63 19.97
N ILE K 6 20.08 -0.49 19.36
CA ILE K 6 19.84 -0.26 17.95
C ILE K 6 20.58 -1.28 17.08
N LEU K 7 21.83 -1.59 17.40
CA LEU K 7 22.63 -2.52 16.60
C LEU K 7 21.96 -3.89 16.40
N ARG K 8 21.34 -4.41 17.44
CA ARG K 8 20.72 -5.74 17.39
C ARG K 8 19.35 -5.67 16.73
N ILE K 9 18.72 -4.49 16.79
CA ILE K 9 17.46 -4.27 16.10
C ILE K 9 17.73 -4.22 14.62
N LYS K 10 18.70 -3.40 14.23
CA LYS K 10 19.17 -3.34 12.86
C LYS K 10 19.59 -4.72 12.35
N GLN K 11 20.36 -5.46 13.15
CA GLN K 11 20.78 -6.82 12.78
C GLN K 11 19.60 -7.80 12.58
N ASN K 12 18.61 -7.72 13.46
CA ASN K 12 17.41 -8.54 13.32
C ASN K 12 16.64 -8.12 12.07
N ILE K 13 16.62 -6.82 11.82
CA ILE K 13 15.98 -6.26 10.65
C ILE K 13 16.63 -6.85 9.40
N ASN K 14 17.96 -6.82 9.35
CA ASN K 14 18.71 -7.39 8.23
C ASN K 14 18.40 -8.87 8.01
N GLN K 15 18.36 -9.64 9.10
CA GLN K 15 18.02 -11.06 8.97
C GLN K 15 16.60 -11.28 8.40
N ILE K 16 15.65 -10.51 8.91
CA ILE K 16 14.29 -10.53 8.38
C ILE K 16 14.27 -10.20 6.87
N ALA K 17 14.94 -9.11 6.50
CA ALA K 17 14.95 -8.64 5.10
C ALA K 17 15.53 -9.71 4.18
N THR K 18 16.53 -10.42 4.70
CA THR K 18 17.16 -11.53 3.98
C THR K 18 16.23 -12.75 3.82
N LYS K 19 15.47 -13.07 4.86
CA LYS K 19 14.49 -14.16 4.74
C LYS K 19 13.41 -13.79 3.75
N ILE K 20 13.03 -12.52 3.75
CA ILE K 20 11.95 -12.06 2.88
C ILE K 20 12.42 -12.12 1.43
N GLN K 21 13.64 -11.64 1.20
CA GLN K 21 14.33 -11.79 -0.08
C GLN K 21 14.29 -13.22 -0.60
N HIS K 22 14.75 -14.18 0.20
CA HIS K 22 14.65 -15.60 -0.23
C HIS K 22 13.22 -16.03 -0.53
N ILE K 23 12.27 -15.58 0.30
CA ILE K 23 10.87 -15.96 0.12
C ILE K 23 10.27 -15.43 -1.19
N GLU K 24 10.57 -14.19 -1.52
CA GLU K 24 10.07 -13.57 -2.76
C GLU K 24 10.71 -14.24 -3.97
N PHE K 25 12.01 -14.48 -3.90
CA PHE K 25 12.69 -15.24 -4.95
C PHE K 25 12.00 -16.58 -5.20
N SER K 26 11.76 -17.32 -4.13
CA SER K 26 11.13 -18.64 -4.24
C SER K 26 9.73 -18.55 -4.78
N ILE K 27 9.02 -17.51 -4.39
CA ILE K 27 7.63 -17.37 -4.80
C ILE K 27 7.55 -17.07 -6.28
N SER K 28 8.46 -16.23 -6.75
CA SER K 28 8.56 -15.97 -8.17
C SER K 28 8.90 -17.26 -8.96
N GLU K 29 9.85 -18.05 -8.45
CA GLU K 29 10.14 -19.33 -9.12
C GLU K 29 8.90 -20.27 -9.14
N ILE K 30 8.18 -20.32 -8.02
CA ILE K 30 6.96 -21.12 -7.92
C ILE K 30 5.90 -20.69 -8.93
N GLU K 31 5.72 -19.39 -9.09
CA GLU K 31 4.77 -18.83 -10.06
C GLU K 31 5.12 -19.14 -11.53
N GLN K 32 6.42 -19.07 -11.83
CA GLN K 32 6.88 -19.56 -13.13
C GLN K 32 6.57 -21.05 -13.32
N GLU K 33 6.86 -21.86 -12.30
CA GLU K 33 6.63 -23.30 -12.33
C GLU K 33 5.15 -23.67 -12.49
N ILE K 34 4.25 -22.87 -11.91
CA ILE K 34 2.82 -23.12 -12.05
C ILE K 34 2.38 -22.76 -13.46
N GLU K 35 2.93 -21.67 -13.99
CA GLU K 35 2.64 -21.32 -15.37
C GLU K 35 3.11 -22.44 -16.32
N ARG K 36 4.27 -23.04 -16.01
CA ARG K 36 4.79 -24.12 -16.85
C ARG K 36 3.96 -25.40 -16.75
N ILE K 37 3.52 -25.74 -15.53
CA ILE K 37 2.66 -26.89 -15.31
C ILE K 37 1.33 -26.73 -16.05
N ASN K 38 0.77 -25.53 -15.99
CA ASN K 38 -0.43 -25.22 -16.74
C ASN K 38 -0.20 -25.42 -18.23
N LYS K 39 0.90 -24.88 -18.74
CA LYS K 39 1.23 -25.01 -20.16
C LYS K 39 1.31 -26.48 -20.56
N LEU K 40 2.05 -27.25 -19.77
CA LEU K 40 2.23 -28.67 -20.05
C LEU K 40 0.89 -29.39 -20.11
N ILE K 41 0.04 -29.16 -19.10
CA ILE K 41 -1.29 -29.77 -19.08
C ILE K 41 -2.02 -29.56 -20.40
N LYS K 42 -2.29 -28.30 -20.73
CA LYS K 42 -2.95 -27.98 -21.98
C LYS K 42 -2.00 -28.14 -23.17
N GLU L 3 15.66 11.20 17.61
CA GLU L 3 16.34 9.98 17.20
C GLU L 3 16.01 9.64 15.73
N ARG L 4 17.00 9.87 14.87
CA ARG L 4 16.93 9.56 13.44
C ARG L 4 16.77 8.06 13.22
N GLN L 5 17.59 7.34 13.99
CA GLN L 5 17.71 5.90 13.92
C GLN L 5 16.34 5.20 14.10
N ILE L 6 15.59 5.65 15.10
CA ILE L 6 14.29 5.05 15.40
C ILE L 6 13.20 5.36 14.34
N LEU L 7 13.18 6.59 13.84
CA LEU L 7 12.27 6.98 12.78
C LEU L 7 12.49 6.07 11.56
N ARG L 8 13.76 5.93 11.16
CA ARG L 8 14.08 5.08 10.02
C ARG L 8 13.71 3.63 10.25
N ILE L 9 14.06 3.11 11.44
CA ILE L 9 13.70 1.74 11.79
C ILE L 9 12.20 1.49 11.64
N LYS L 10 11.39 2.38 12.20
CA LYS L 10 9.94 2.24 12.09
C LYS L 10 9.46 2.23 10.62
N GLN L 11 10.01 3.12 9.79
CA GLN L 11 9.65 3.09 8.37
C GLN L 11 10.01 1.77 7.68
N ASN L 12 11.21 1.28 7.93
CA ASN L 12 11.62 0.00 7.37
C ASN L 12 10.72 -1.15 7.78
N ILE L 13 10.37 -1.21 9.07
CA ILE L 13 9.43 -2.21 9.55
C ILE L 13 8.05 -2.08 8.87
N ASN L 14 7.65 -0.85 8.63
CA ASN L 14 6.42 -0.59 7.89
C ASN L 14 6.43 -1.16 6.46
N GLN L 15 7.54 -0.92 5.76
CA GLN L 15 7.72 -1.47 4.41
C GLN L 15 7.74 -3.00 4.42
N ILE L 16 8.44 -3.56 5.40
CA ILE L 16 8.45 -5.02 5.62
C ILE L 16 7.04 -5.56 5.79
N ALA L 17 6.25 -4.89 6.60
CA ALA L 17 4.90 -5.36 6.95
C ALA L 17 4.05 -5.40 5.71
N THR L 18 4.19 -4.37 4.89
CA THR L 18 3.54 -4.36 3.58
C THR L 18 3.97 -5.54 2.67
N LYS L 19 5.27 -5.77 2.57
CA LYS L 19 5.77 -6.94 1.82
C LYS L 19 5.19 -8.26 2.34
N ILE L 20 5.00 -8.34 3.66
CA ILE L 20 4.45 -9.55 4.26
C ILE L 20 3.00 -9.72 3.84
N GLN L 21 2.23 -8.65 3.89
CA GLN L 21 0.83 -8.75 3.43
C GLN L 21 0.73 -9.20 1.97
N HIS L 22 1.58 -8.65 1.10
CA HIS L 22 1.58 -9.08 -0.30
C HIS L 22 1.96 -10.58 -0.42
N ILE L 23 2.96 -10.99 0.35
CA ILE L 23 3.45 -12.38 0.33
C ILE L 23 2.33 -13.34 0.76
N GLU L 24 1.65 -13.01 1.84
CA GLU L 24 0.54 -13.85 2.31
C GLU L 24 -0.55 -13.95 1.26
N PHE L 25 -0.89 -12.83 0.64
CA PHE L 25 -1.88 -12.93 -0.43
C PHE L 25 -1.39 -13.82 -1.57
N SER L 26 -0.08 -13.80 -1.82
CA SER L 26 0.49 -14.60 -2.91
C SER L 26 0.49 -16.11 -2.61
N ILE L 27 0.89 -16.48 -1.40
CA ILE L 27 0.80 -17.84 -0.92
C ILE L 27 -0.63 -18.31 -1.05
N SER L 28 -1.56 -17.52 -0.54
CA SER L 28 -2.95 -17.93 -0.57
C SER L 28 -3.44 -18.11 -2.01
N GLU L 29 -2.96 -17.30 -2.94
CA GLU L 29 -3.39 -17.49 -4.33
C GLU L 29 -2.72 -18.70 -5.01
N ILE L 30 -1.48 -19.00 -4.61
CA ILE L 30 -0.79 -20.16 -5.15
C ILE L 30 -1.45 -21.48 -4.70
N GLU L 31 -1.79 -21.57 -3.42
CA GLU L 31 -2.46 -22.76 -2.86
C GLU L 31 -3.74 -23.08 -3.62
N GLN L 32 -4.51 -22.05 -3.93
CA GLN L 32 -5.78 -22.21 -4.63
C GLN L 32 -5.56 -22.64 -6.09
N GLU L 33 -4.45 -22.17 -6.67
CA GLU L 33 -4.12 -22.58 -8.03
C GLU L 33 -3.67 -24.02 -8.07
N ILE L 34 -2.92 -24.43 -7.06
CA ILE L 34 -2.50 -25.82 -6.86
C ILE L 34 -3.71 -26.75 -6.83
N GLU L 35 -4.68 -26.42 -5.98
CA GLU L 35 -5.87 -27.25 -5.85
C GLU L 35 -6.68 -27.23 -7.12
N ARG L 36 -6.63 -26.12 -7.85
CA ARG L 36 -7.29 -26.03 -9.13
C ARG L 36 -6.64 -26.96 -10.14
N ILE L 37 -5.33 -27.15 -10.00
CA ILE L 37 -4.58 -28.03 -10.88
C ILE L 37 -4.80 -29.48 -10.46
N ASN L 38 -4.81 -29.73 -9.15
CA ASN L 38 -5.11 -31.04 -8.61
C ASN L 38 -6.42 -31.62 -9.15
N LYS L 39 -7.42 -30.77 -9.34
CA LYS L 39 -8.70 -31.21 -9.86
C LYS L 39 -8.68 -31.49 -11.37
N LEU L 40 -7.48 -31.52 -11.95
CA LEU L 40 -7.32 -31.93 -13.34
C LEU L 40 -6.36 -33.11 -13.45
#